data_5D77
#
_entry.id   5D77
#
_cell.length_a   36.310
_cell.length_b   36.310
_cell.length_c   91.816
_cell.angle_alpha   90.00
_cell.angle_beta   90.00
_cell.angle_gamma   90.00
#
_symmetry.space_group_name_H-M   'P 43 21 2'
#
loop_
_entity.id
_entity.type
_entity.pdbx_description
1 polymer 'RNA-binding protein MIP6'
2 non-polymer 'CITRIC ACID'
3 non-polymer 'NITRATE ION'
4 non-polymer 'SODIUM ION'
5 water water
#
_entity_poly.entity_id   1
_entity_poly.type   'polypeptide(L)'
_entity_poly.pdbx_seq_one_letter_code
;GPLGSMKTILVKNLPSDTTQEEVLDYFSTIGPIKSVFISEKQANTPHKAFVTYKNEEESKKAQK(CSO)LNKTIFKNHTI
WVGPGK
;
_entity_poly.pdbx_strand_id   A
#
loop_
_chem_comp.id
_chem_comp.type
_chem_comp.name
_chem_comp.formula
CIT non-polymer 'CITRIC ACID' 'C6 H8 O7'
NA non-polymer 'SODIUM ION' 'Na 1'
NO3 non-polymer 'NITRATE ION' 'N O3 -1'
#
# COMPACT_ATOMS: atom_id res chain seq x y z
N GLY A 1 2.92 -14.91 -9.47
CA GLY A 1 2.61 -13.57 -8.97
C GLY A 1 1.13 -13.31 -9.14
N PRO A 2 0.70 -12.04 -9.05
CA PRO A 2 1.53 -10.83 -8.88
C PRO A 2 1.98 -10.55 -7.44
N LEU A 3 1.37 -11.20 -6.46
CA LEU A 3 1.72 -10.95 -5.06
C LEU A 3 2.90 -11.85 -4.62
N GLY A 4 3.48 -11.55 -3.47
CA GLY A 4 4.59 -12.31 -2.93
C GLY A 4 4.52 -12.32 -1.42
N SER A 5 4.80 -13.48 -0.81
CA SER A 5 4.55 -13.68 0.62
C SER A 5 5.21 -12.62 1.49
N MET A 6 6.45 -12.26 1.18
CA MET A 6 7.14 -11.25 1.96
C MET A 6 7.23 -9.93 1.20
N LYS A 7 6.85 -9.93 -0.07
CA LYS A 7 7.00 -8.74 -0.88
C LYS A 7 5.75 -7.86 -0.88
N THR A 8 4.62 -8.45 -0.49
CA THR A 8 3.35 -7.75 -0.51
C THR A 8 3.00 -7.18 0.86
N ILE A 9 2.68 -5.89 0.88
CA ILE A 9 2.14 -5.25 2.07
C ILE A 9 0.66 -4.98 1.84
N LEU A 10 -0.08 -4.97 2.93
CA LEU A 10 -1.44 -4.50 2.96
C LEU A 10 -1.47 -3.12 3.63
N VAL A 11 -2.12 -2.21 2.93
CA VAL A 11 -2.30 -0.85 3.39
C VAL A 11 -3.76 -0.64 3.66
N LYS A 12 -4.09 -0.20 4.87
CA LYS A 12 -5.48 0.00 5.29
C LYS A 12 -5.73 1.45 5.60
N ASN A 13 -7.02 1.80 5.60
CA ASN A 13 -7.49 3.13 5.97
C ASN A 13 -7.12 4.20 4.94
N LEU A 14 -7.12 3.82 3.66
CA LEU A 14 -6.97 4.80 2.58
C LEU A 14 -8.29 5.52 2.33
N PRO A 15 -8.25 6.82 1.99
CA PRO A 15 -9.51 7.44 1.58
C PRO A 15 -10.03 6.81 0.28
N SER A 16 -11.33 6.86 0.08
CA SER A 16 -11.96 6.11 -1.01
C SER A 16 -11.59 6.62 -2.39
N ASP A 17 -11.13 7.87 -2.49
CA ASP A 17 -10.80 8.44 -3.79
C ASP A 17 -9.36 8.15 -4.24
N THR A 18 -8.61 7.45 -3.40
CA THR A 18 -7.22 7.13 -3.67
C THR A 18 -7.09 6.36 -4.99
N THR A 19 -6.12 6.76 -5.79
CA THR A 19 -5.85 6.08 -7.04
C THR A 19 -4.63 5.17 -6.95
N GLN A 20 -4.51 4.24 -7.90
CA GLN A 20 -3.36 3.36 -7.93
CA GLN A 20 -3.36 3.36 -7.93
C GLN A 20 -2.08 4.18 -8.09
N GLU A 21 -2.13 5.21 -8.92
CA GLU A 21 -0.96 6.05 -9.12
C GLU A 21 -0.55 6.76 -7.84
N GLU A 22 -1.52 7.25 -7.07
CA GLU A 22 -1.21 7.90 -5.80
C GLU A 22 -0.52 6.92 -4.85
N VAL A 23 -1.01 5.68 -4.81
CA VAL A 23 -0.39 4.68 -3.97
C VAL A 23 1.02 4.37 -4.48
N LEU A 24 1.15 4.18 -5.78
CA LEU A 24 2.44 3.89 -6.37
C LEU A 24 3.44 4.99 -6.01
N ASP A 25 3.04 6.24 -6.16
CA ASP A 25 3.96 7.35 -5.96
C ASP A 25 4.43 7.42 -4.52
N TYR A 26 3.49 7.22 -3.60
CA TYR A 26 3.77 7.31 -2.16
C TYR A 26 4.69 6.19 -1.70
N PHE A 27 4.33 4.97 -2.07
CA PHE A 27 5.06 3.80 -1.63
C PHE A 27 6.37 3.54 -2.37
N SER A 28 6.50 4.05 -3.58
CA SER A 28 7.72 3.81 -4.34
C SER A 28 8.89 4.65 -3.84
N THR A 29 8.63 5.55 -2.90
CA THR A 29 9.73 6.29 -2.27
C THR A 29 10.64 5.35 -1.47
N ILE A 30 10.12 4.18 -1.11
CA ILE A 30 10.88 3.18 -0.37
C ILE A 30 11.69 2.29 -1.31
N GLY A 31 11.12 1.95 -2.46
CA GLY A 31 11.75 1.06 -3.40
C GLY A 31 10.77 0.77 -4.53
N PRO A 32 11.26 0.08 -5.57
CA PRO A 32 10.42 -0.15 -6.75
C PRO A 32 9.26 -1.09 -6.45
N ILE A 33 8.12 -0.77 -7.04
CA ILE A 33 6.89 -1.50 -6.86
C ILE A 33 6.50 -2.22 -8.13
N LYS A 34 6.07 -3.47 -7.97
CA LYS A 34 5.65 -4.29 -9.09
C LYS A 34 4.16 -4.19 -9.41
N SER A 35 3.31 -4.06 -8.40
CA SER A 35 1.88 -3.96 -8.64
C SER A 35 1.16 -3.31 -7.47
N VAL A 36 -0.03 -2.79 -7.78
CA VAL A 36 -0.90 -2.15 -6.82
C VAL A 36 -2.32 -2.57 -7.13
N PHE A 37 -2.99 -3.17 -6.16
N PHE A 37 -3.03 -3.01 -6.10
CA PHE A 37 -4.42 -3.43 -6.26
CA PHE A 37 -4.39 -3.56 -6.18
C PHE A 37 -5.08 -2.71 -5.11
C PHE A 37 -5.24 -2.90 -5.08
N ILE A 38 -6.14 -1.98 -5.44
CA ILE A 38 -7.00 -1.31 -4.47
C ILE A 38 -8.32 -2.04 -4.39
N SER A 39 -8.79 -2.28 -3.18
CA SER A 39 -10.02 -3.02 -2.95
C SER A 39 -11.24 -2.19 -3.32
N GLU A 40 -12.18 -2.83 -3.99
CA GLU A 40 -13.39 -2.17 -4.46
C GLU A 40 -14.34 -2.06 -3.30
N LYS A 41 -14.60 -0.82 -2.89
CA LYS A 41 -15.49 -0.53 -1.80
C LYS A 41 -16.20 0.79 -2.04
N GLN A 42 -17.31 0.96 -1.34
CA GLN A 42 -18.12 2.17 -1.44
C GLN A 42 -17.32 3.44 -1.18
N ALA A 43 -17.63 4.49 -1.92
CA ALA A 43 -17.05 5.79 -1.68
C ALA A 43 -17.32 6.20 -0.23
N ASN A 44 -16.39 6.97 0.34
CA ASN A 44 -16.53 7.50 1.71
C ASN A 44 -16.53 6.40 2.77
N THR A 45 -15.94 5.26 2.42
CA THR A 45 -15.57 4.24 3.41
C THR A 45 -14.10 3.90 3.19
N PRO A 46 -13.41 3.46 4.25
CA PRO A 46 -11.96 3.24 4.16
C PRO A 46 -11.63 2.13 3.20
N HIS A 47 -10.59 2.33 2.39
CA HIS A 47 -10.15 1.37 1.40
C HIS A 47 -8.84 0.73 1.78
N LYS A 48 -8.58 -0.42 1.18
CA LYS A 48 -7.38 -1.18 1.39
C LYS A 48 -6.66 -1.36 0.07
N ALA A 49 -5.35 -1.56 0.13
CA ALA A 49 -4.59 -1.86 -1.07
C ALA A 49 -3.51 -2.88 -0.76
N PHE A 50 -3.25 -3.73 -1.76
CA PHE A 50 -2.09 -4.60 -1.75
C PHE A 50 -1.02 -3.97 -2.63
N VAL A 51 0.16 -3.77 -2.05
CA VAL A 51 1.27 -3.18 -2.76
C VAL A 51 2.39 -4.20 -2.73
N THR A 52 2.86 -4.61 -3.89
CA THR A 52 3.90 -5.63 -3.95
C THR A 52 5.19 -4.99 -4.44
N TYR A 53 6.20 -5.08 -3.59
CA TYR A 53 7.52 -4.56 -3.90
C TYR A 53 8.30 -5.57 -4.73
N LYS A 54 9.26 -5.07 -5.48
CA LYS A 54 10.17 -5.90 -6.23
C LYS A 54 11.03 -6.72 -5.26
N ASN A 55 11.43 -6.13 -4.13
CA ASN A 55 12.32 -6.78 -3.17
C ASN A 55 11.71 -6.91 -1.78
N GLU A 56 11.84 -8.08 -1.18
CA GLU A 56 11.32 -8.33 0.16
C GLU A 56 11.83 -7.35 1.21
N GLU A 57 13.09 -6.96 1.14
CA GLU A 57 13.63 -6.04 2.13
C GLU A 57 12.94 -4.69 2.11
N GLU A 58 12.53 -4.26 0.92
CA GLU A 58 11.89 -2.97 0.77
C GLU A 58 10.46 -3.04 1.32
N SER A 59 9.81 -4.18 1.17
CA SER A 59 8.52 -4.39 1.80
C SER A 59 8.63 -4.21 3.31
N LYS A 60 9.67 -4.78 3.91
CA LYS A 60 9.82 -4.65 5.35
C LYS A 60 10.09 -3.21 5.76
N LYS A 61 10.90 -2.51 4.96
CA LYS A 61 11.16 -1.10 5.23
C LYS A 61 9.89 -0.24 5.13
N ALA A 62 9.01 -0.54 4.17
CA ALA A 62 7.78 0.22 4.02
C ALA A 62 6.91 0.06 5.25
N GLN A 63 6.87 -1.16 5.79
CA GLN A 63 6.12 -1.41 7.02
C GLN A 63 6.63 -0.54 8.16
N LYS A 64 7.95 -0.48 8.33
CA LYS A 64 8.55 0.34 9.36
C LYS A 64 8.32 1.82 9.14
N CSO A 65 8.62 2.30 7.94
CA CSO A 65 8.61 3.73 7.66
CB CSO A 65 9.46 4.02 6.42
SG CSO A 65 11.15 3.54 6.73
C CSO A 65 7.23 4.33 7.45
O CSO A 65 7.00 5.48 7.81
OD CSO A 65 11.96 4.87 7.59
H CSO A 65 8.85 1.81 7.27
HA CSO A 65 9.02 4.19 8.41
HB2 CSO A 65 9.43 4.97 6.23
HB3 CSO A 65 9.12 3.50 5.67
HD CSO A 65 11.94 5.68 7.04
N LEU A 66 6.32 3.59 6.84
CA LEU A 66 5.07 4.19 6.39
C LEU A 66 3.87 3.83 7.24
N ASN A 67 4.00 2.86 8.14
CA ASN A 67 2.90 2.56 9.05
C ASN A 67 2.60 3.78 9.91
N LYS A 68 1.31 4.09 10.06
CA LYS A 68 0.86 5.21 10.86
C LYS A 68 1.45 6.55 10.44
N THR A 69 1.59 6.73 9.12
CA THR A 69 1.87 8.02 8.51
C THR A 69 0.57 8.58 7.93
N ILE A 70 0.57 9.85 7.59
CA ILE A 70 -0.61 10.53 7.09
C ILE A 70 -0.59 10.57 5.57
N PHE A 71 -1.66 10.09 4.99
CA PHE A 71 -1.83 10.02 3.56
C PHE A 71 -3.22 10.55 3.26
N LYS A 72 -3.29 11.71 2.61
CA LYS A 72 -4.56 12.32 2.28
C LYS A 72 -5.52 12.35 3.48
N ASN A 73 -5.00 12.86 4.60
CA ASN A 73 -5.71 13.09 5.86
C ASN A 73 -5.94 11.84 6.68
N HIS A 74 -5.63 10.67 6.14
CA HIS A 74 -5.80 9.42 6.87
C HIS A 74 -4.51 8.89 7.45
N THR A 75 -4.58 8.34 8.65
CA THR A 75 -3.47 7.59 9.20
C THR A 75 -3.52 6.19 8.64
N ILE A 76 -2.56 5.86 7.81
CA ILE A 76 -2.60 4.57 7.16
C ILE A 76 -1.93 3.52 8.03
N TRP A 77 -2.42 2.29 7.89
CA TRP A 77 -1.92 1.12 8.60
C TRP A 77 -1.26 0.22 7.57
N VAL A 78 0.03 -0.05 7.75
CA VAL A 78 0.82 -0.81 6.79
C VAL A 78 1.38 -2.02 7.51
N GLY A 79 1.17 -3.20 6.94
CA GLY A 79 1.66 -4.43 7.52
C GLY A 79 1.83 -5.47 6.44
N PRO A 80 2.27 -6.68 6.82
CA PRO A 80 2.44 -7.76 5.83
C PRO A 80 1.09 -8.10 5.23
N GLY A 81 1.08 -8.37 3.93
CA GLY A 81 -0.15 -8.72 3.26
C GLY A 81 -0.30 -10.22 3.19
N LYS A 82 0.82 -10.89 3.47
CA LYS A 82 1.02 -12.34 3.40
C LYS A 82 0.67 -12.92 2.03
C1 CIT B . -4.34 -3.10 12.05
O1 CIT B . -4.73 -3.98 12.87
O2 CIT B . -4.07 -3.42 10.86
C2 CIT B . -4.24 -1.65 12.48
C3 CIT B . -4.32 -1.44 13.98
O7 CIT B . -5.48 -2.03 14.54
C4 CIT B . -4.37 0.04 14.24
C5 CIT B . -4.25 0.28 15.74
O3 CIT B . -3.19 0.77 16.21
O4 CIT B . -5.18 -0.02 16.52
C6 CIT B . -3.10 -2.04 14.64
O5 CIT B . -3.21 -2.81 15.64
O6 CIT B . -1.96 -1.77 14.18
H21 CIT B . -3.39 -1.29 12.18
H22 CIT B . -4.94 -1.13 12.05
HO7 CIT B . -6.20 -1.69 14.13
H41 CIT B . -5.22 0.41 13.92
H42 CIT B . -3.62 0.47 13.79
N NO3 C . -9.76 -0.22 6.66
O1 NO3 C . -9.17 -0.02 5.41
O2 NO3 C . -10.57 -1.33 6.87
O3 NO3 C . -9.53 0.67 7.71
N NO3 D . -11.00 11.55 3.22
O1 NO3 D . -11.89 10.67 3.86
O2 NO3 D . -9.82 11.97 3.83
O3 NO3 D . -11.28 11.97 1.93
NA NA E . -13.13 -5.95 -2.17
#